data_5O49
#
_entry.id   5O49
#
_cell.length_a   209.550
_cell.length_b   57.590
_cell.length_c   65.620
_cell.angle_alpha   90.00
_cell.angle_beta   107.64
_cell.angle_gamma   90.00
#
_symmetry.space_group_name_H-M   'C 1 2 1'
#
loop_
_entity.id
_entity.type
_entity.pdbx_description
1 polymer 'Fibroblast growth factor receptor 1'
2 non-polymer '[(2~{R},3~{S},4~{R},5~{R})-5-(6-aminopurin-9-yl)-3,4-bis(oxidanyl)oxolan-2-yl]methyl 3-fluorosulfonylbenzoate'
3 non-polymer 'SULFATE ION'
4 water water
#
_entity_poly.entity_id   1
_entity_poly.type   'polypeptide(L)'
_entity_poly.pdbx_seq_one_letter_code
;GAGVSEYELPEDPRWELPRDRLVLGKPLGEGAFGQVVLAEAIGLDKDKPNRVTKVAVKMLKSDATEKDLSDLISEMEMMK
MIGKHKNIINLLGACTQDGPLYVIVEYASKGNLREYLQARRPPGLEYSYNPSHNPEEQLSSKDLVSCAYQVARGMEYLAS
KKCIHRDLAARNVLVTEDNVMKIADFGLARDIHHIDYYKKTTNGRLPVKWMAPEALFDRIYTHQSDVWSFGVLLWEIFTL
GGSPYPGVPVEELFKLLKEGHRMDKPSNCTNELYMMMRDCWHAVPSQRPTFKQLVEDLDRIVALTSNQE
;
_entity_poly.pdbx_strand_id   A,B
#
# COMPACT_ATOMS: atom_id res chain seq x y z
N GLU A 8 -9.38 -25.06 44.33
CA GLU A 8 -7.90 -24.96 44.26
C GLU A 8 -7.40 -25.70 43.02
N LEU A 9 -6.14 -25.48 42.68
CA LEU A 9 -5.56 -26.06 41.47
C LEU A 9 -4.72 -27.27 41.89
N PRO A 10 -4.56 -28.23 40.98
CA PRO A 10 -3.77 -29.43 41.32
C PRO A 10 -2.29 -29.09 41.42
N GLU A 11 -1.53 -29.75 42.28
CA GLU A 11 -0.10 -29.37 42.42
C GLU A 11 0.70 -30.09 41.31
N ASP A 12 1.74 -29.45 40.74
CA ASP A 12 2.52 -30.10 39.70
C ASP A 12 4.00 -29.86 39.94
N PRO A 13 4.66 -30.81 40.56
CA PRO A 13 6.05 -30.51 40.99
C PRO A 13 7.05 -30.42 39.87
N ARG A 14 6.65 -30.73 38.65
CA ARG A 14 7.61 -30.50 37.55
C ARG A 14 7.90 -28.95 37.38
N TRP A 15 6.87 -28.12 37.67
CA TRP A 15 6.81 -26.73 37.33
C TRP A 15 6.65 -25.78 38.55
N GLU A 16 6.22 -26.25 39.73
CA GLU A 16 5.91 -25.37 40.86
C GLU A 16 7.20 -24.64 41.36
N LEU A 17 7.12 -23.32 41.49
CA LEU A 17 8.24 -22.53 42.10
C LEU A 17 7.65 -21.93 43.42
N PRO A 18 8.38 -22.05 44.54
CA PRO A 18 7.77 -21.46 45.78
C PRO A 18 7.58 -19.95 45.59
N ARG A 19 6.47 -19.42 46.08
CA ARG A 19 6.15 -18.01 45.88
C ARG A 19 7.22 -17.03 46.33
N ASP A 20 7.87 -17.36 47.44
CA ASP A 20 8.90 -16.51 48.01
C ASP A 20 10.18 -16.43 47.15
N ARG A 21 10.24 -17.21 46.08
CA ARG A 21 11.40 -17.20 45.21
C ARG A 21 11.19 -16.23 44.03
N LEU A 22 10.04 -15.58 44.03
CA LEU A 22 9.69 -14.66 42.96
C LEU A 22 9.56 -13.23 43.47
N VAL A 23 10.34 -12.32 42.90
CA VAL A 23 10.26 -10.94 43.31
C VAL A 23 9.57 -10.14 42.22
N LEU A 24 8.31 -9.76 42.46
CA LEU A 24 7.48 -9.09 41.46
C LEU A 24 7.92 -7.62 41.22
N GLY A 25 8.01 -7.25 39.96
CA GLY A 25 8.45 -5.93 39.59
C GLY A 25 7.38 -5.12 38.91
N LYS A 26 7.79 -4.31 37.97
CA LYS A 26 6.87 -3.46 37.25
C LYS A 26 6.10 -4.19 36.18
N PRO A 27 4.85 -3.74 35.94
CA PRO A 27 3.94 -4.20 34.90
C PRO A 27 4.55 -4.02 33.52
N LEU A 28 4.37 -5.00 32.63
CA LEU A 28 4.73 -4.86 31.23
C LEU A 28 3.47 -4.49 30.43
N GLY A 29 2.31 -4.54 31.06
CA GLY A 29 1.06 -4.15 30.44
C GLY A 29 -0.04 -5.07 30.90
N GLU A 30 -1.22 -4.93 30.31
CA GLU A 30 -2.36 -5.76 30.68
C GLU A 30 -3.05 -6.27 29.41
N GLY A 31 -3.50 -7.52 29.46
CA GLY A 31 -4.53 -8.01 28.55
C GLY A 31 -5.82 -7.55 29.21
N ALA A 32 -6.92 -8.23 28.91
CA ALA A 32 -8.15 -8.01 29.66
C ALA A 32 -8.36 -9.19 30.61
N PHE A 33 -7.95 -10.40 30.18
CA PHE A 33 -7.93 -11.56 31.07
C PHE A 33 -6.88 -11.37 32.17
N GLY A 34 -5.71 -10.86 31.80
CA GLY A 34 -4.64 -10.67 32.77
C GLY A 34 -3.70 -9.50 32.55
N GLN A 35 -2.59 -9.59 33.28
CA GLN A 35 -1.58 -8.57 33.45
C GLN A 35 -0.24 -9.31 33.42
N VAL A 36 0.75 -8.77 32.72
CA VAL A 36 2.06 -9.37 32.68
C VAL A 36 3.08 -8.47 33.41
N VAL A 37 3.81 -9.02 34.37
CA VAL A 37 4.80 -8.25 35.14
C VAL A 37 6.21 -8.79 34.96
N LEU A 38 7.19 -7.91 34.97
CA LEU A 38 8.60 -8.33 35.01
C LEU A 38 8.86 -8.79 36.48
N ALA A 39 9.72 -9.78 36.64
CA ALA A 39 10.03 -10.31 37.97
C ALA A 39 11.37 -10.88 37.95
N GLU A 40 11.86 -11.18 39.16
CA GLU A 40 13.14 -11.84 39.34
C GLU A 40 12.81 -13.13 40.06
N ALA A 41 13.35 -14.20 39.53
CA ALA A 41 13.13 -15.52 40.10
C ALA A 41 14.45 -15.97 40.67
N ILE A 42 14.44 -16.34 41.94
CA ILE A 42 15.66 -16.79 42.57
C ILE A 42 15.80 -18.30 42.60
N GLY A 43 16.81 -18.83 41.93
CA GLY A 43 17.06 -20.26 42.07
C GLY A 43 16.03 -21.04 41.29
N LEU A 44 15.96 -20.68 40.03
CA LEU A 44 15.02 -21.26 39.11
C LEU A 44 15.59 -22.60 38.70
N ASP A 45 16.86 -22.60 38.27
CA ASP A 45 17.64 -23.83 38.08
C ASP A 45 17.97 -24.49 39.44
N LYS A 46 17.95 -25.81 39.52
CA LYS A 46 18.23 -26.50 40.77
C LYS A 46 19.70 -26.44 41.13
N ASP A 47 20.54 -26.28 40.12
CA ASP A 47 21.99 -26.21 40.30
C ASP A 47 22.47 -24.85 40.79
N LYS A 48 21.74 -23.79 40.44
CA LYS A 48 22.12 -22.44 40.86
C LYS A 48 21.03 -21.78 41.69
N PRO A 49 20.98 -22.11 42.97
CA PRO A 49 19.98 -21.56 43.88
C PRO A 49 20.25 -20.11 44.28
N ASN A 50 21.48 -19.63 44.11
CA ASN A 50 21.79 -18.24 44.48
C ASN A 50 21.85 -17.23 43.31
N ARG A 51 21.28 -17.61 42.17
CA ARG A 51 21.31 -16.82 40.93
C ARG A 51 19.87 -16.25 40.74
N VAL A 52 19.74 -15.00 40.32
CA VAL A 52 18.42 -14.48 39.94
C VAL A 52 18.31 -14.48 38.40
N THR A 53 17.10 -14.73 37.91
CA THR A 53 16.76 -14.72 36.48
C THR A 53 15.60 -13.78 36.28
N LYS A 54 15.71 -12.86 35.32
CA LYS A 54 14.58 -12.00 34.97
C LYS A 54 13.58 -12.89 34.19
N VAL A 55 12.29 -12.70 34.42
CA VAL A 55 11.27 -13.53 33.85
C VAL A 55 10.02 -12.69 33.75
N ALA A 56 9.09 -13.07 32.87
CA ALA A 56 7.77 -12.43 32.82
C ALA A 56 6.78 -13.25 33.51
N VAL A 57 5.83 -12.64 34.16
CA VAL A 57 4.92 -13.36 34.97
C VAL A 57 3.53 -12.94 34.62
N LYS A 58 2.72 -13.92 34.24
CA LYS A 58 1.31 -13.69 33.91
C LYS A 58 0.49 -14.02 35.15
N MET A 59 -0.64 -13.33 35.31
CA MET A 59 -1.52 -13.52 36.47
C MET A 59 -2.86 -12.91 36.11
N LEU A 60 -3.90 -13.27 36.86
CA LEU A 60 -5.27 -12.88 36.51
C LEU A 60 -5.58 -11.54 37.13
N LYS A 61 -6.05 -10.58 36.33
CA LYS A 61 -6.51 -9.30 36.86
C LYS A 61 -7.58 -9.50 37.96
N SER A 62 -7.95 -8.41 38.64
CA SER A 62 -8.85 -8.41 39.82
C SER A 62 -10.21 -9.10 39.60
N ASP A 63 -11.07 -8.48 38.79
CA ASP A 63 -12.46 -8.95 38.61
C ASP A 63 -12.55 -10.04 37.54
N ALA A 64 -11.79 -11.11 37.74
CA ALA A 64 -11.63 -12.18 36.75
C ALA A 64 -12.47 -13.39 37.11
N THR A 65 -13.05 -14.03 36.08
CA THR A 65 -14.09 -15.04 36.26
C THR A 65 -13.52 -16.45 36.29
N GLU A 66 -14.38 -17.45 36.51
CA GLU A 66 -13.97 -18.85 36.38
C GLU A 66 -13.48 -19.14 34.95
N LYS A 67 -14.11 -18.53 33.93
CA LYS A 67 -13.76 -18.79 32.53
C LYS A 67 -12.37 -18.26 32.26
N ASP A 68 -12.07 -17.10 32.84
CA ASP A 68 -10.75 -16.47 32.68
C ASP A 68 -9.64 -17.35 33.26
N LEU A 69 -9.91 -17.89 34.45
CA LEU A 69 -9.03 -18.84 35.13
C LEU A 69 -8.72 -20.05 34.28
N SER A 70 -9.76 -20.76 33.86
CA SER A 70 -9.63 -21.99 33.07
C SER A 70 -8.90 -21.75 31.77
N ASP A 71 -9.12 -20.57 31.17
CA ASP A 71 -8.36 -20.14 29.97
C ASP A 71 -6.89 -19.98 30.27
N LEU A 72 -6.52 -19.37 31.41
CA LEU A 72 -5.10 -19.23 31.75
C LEU A 72 -4.44 -20.57 32.05
N ILE A 73 -5.24 -21.45 32.67
CA ILE A 73 -4.78 -22.81 32.97
C ILE A 73 -4.56 -23.59 31.71
N SER A 74 -5.53 -23.55 30.79
CA SER A 74 -5.33 -24.21 29.45
C SER A 74 -4.06 -23.75 28.77
N GLU A 75 -3.82 -22.44 28.77
CA GLU A 75 -2.58 -21.94 28.15
C GLU A 75 -1.38 -22.54 28.80
N MET A 76 -1.34 -22.50 30.11
CA MET A 76 -0.18 -23.10 30.80
C MET A 76 0.00 -24.62 30.46
N GLU A 77 -1.11 -25.33 30.44
CA GLU A 77 -1.03 -26.83 30.20
C GLU A 77 -0.57 -27.12 28.80
N MET A 78 -1.02 -26.28 27.86
CA MET A 78 -0.56 -26.41 26.50
C MET A 78 0.93 -26.19 26.43
N MET A 79 1.44 -25.11 27.01
CA MET A 79 2.92 -24.92 27.00
C MET A 79 3.67 -26.09 27.65
N LYS A 80 3.14 -26.65 28.74
CA LYS A 80 3.80 -27.88 29.23
C LYS A 80 3.87 -28.97 28.16
N MET A 81 2.78 -29.24 27.47
CA MET A 81 2.88 -30.35 26.48
C MET A 81 3.79 -30.00 25.34
N ILE A 82 3.82 -28.74 24.92
CA ILE A 82 4.60 -28.39 23.65
C ILE A 82 6.09 -28.55 23.78
N GLY A 83 6.63 -28.35 24.98
CA GLY A 83 8.11 -28.57 25.16
C GLY A 83 8.90 -27.31 24.73
N LYS A 84 10.20 -27.33 24.96
CA LYS A 84 11.03 -26.17 24.70
C LYS A 84 11.70 -26.04 23.34
N HIS A 85 11.80 -24.80 22.88
CA HIS A 85 12.53 -24.52 21.64
C HIS A 85 13.09 -23.09 21.76
N LYS A 86 14.28 -22.87 21.25
CA LYS A 86 14.96 -21.52 21.17
C LYS A 86 13.98 -20.41 20.63
N ASN A 87 13.13 -20.72 19.66
CA ASN A 87 12.33 -19.67 19.02
C ASN A 87 10.90 -19.59 19.39
N ILE A 88 10.60 -20.06 20.56
CA ILE A 88 9.35 -19.77 21.18
C ILE A 88 9.48 -19.27 22.62
N ILE A 89 8.43 -18.64 23.15
CA ILE A 89 8.45 -18.17 24.55
C ILE A 89 8.23 -19.40 25.39
N ASN A 90 9.27 -19.80 26.16
CA ASN A 90 9.15 -21.05 26.98
C ASN A 90 8.57 -20.85 28.41
N LEU A 91 7.86 -21.85 28.87
CA LEU A 91 7.32 -21.90 30.19
C LEU A 91 8.53 -22.17 31.09
N LEU A 92 8.59 -21.49 32.22
CA LEU A 92 9.71 -21.70 33.20
C LEU A 92 9.25 -22.18 34.54
N GLY A 93 8.01 -21.98 34.94
CA GLY A 93 7.54 -22.43 36.26
C GLY A 93 6.15 -21.85 36.46
N ALA A 94 5.58 -22.09 37.62
CA ALA A 94 4.30 -21.64 38.00
C ALA A 94 4.21 -21.59 39.54
N CYS A 95 3.43 -20.65 40.07
CA CYS A 95 2.99 -20.60 41.45
C CYS A 95 1.50 -20.80 41.41
N THR A 96 1.07 -21.96 41.88
CA THR A 96 -0.34 -22.42 41.80
C THR A 96 -1.02 -22.57 43.14
N GLN A 97 -0.21 -22.73 44.18
CA GLN A 97 -0.68 -23.13 45.51
C GLN A 97 -0.74 -21.94 46.46
N ASP A 98 -1.84 -21.87 47.23
CA ASP A 98 -1.97 -20.97 48.39
C ASP A 98 -1.82 -19.54 47.91
N GLY A 99 -2.70 -19.13 47.00
CA GLY A 99 -2.67 -17.78 46.43
C GLY A 99 -2.83 -17.74 44.91
N PRO A 100 -2.85 -16.52 44.34
CA PRO A 100 -3.35 -16.42 43.00
C PRO A 100 -2.35 -17.02 42.01
N LEU A 101 -2.87 -17.50 40.90
CA LEU A 101 -2.08 -18.17 39.89
C LEU A 101 -1.08 -17.26 39.18
N TYR A 102 0.18 -17.69 39.16
CA TYR A 102 1.20 -17.05 38.38
C TYR A 102 1.80 -18.05 37.41
N VAL A 103 1.98 -17.65 36.15
CA VAL A 103 2.62 -18.49 35.17
C VAL A 103 3.83 -17.74 34.80
N ILE A 104 4.97 -18.37 34.73
CA ILE A 104 6.20 -17.67 34.60
C ILE A 104 6.82 -18.16 33.34
N VAL A 105 7.17 -17.21 32.49
CA VAL A 105 7.78 -17.47 31.19
C VAL A 105 9.01 -16.66 30.91
N GLU A 106 9.75 -17.03 29.86
CA GLU A 106 10.94 -16.33 29.44
C GLU A 106 10.59 -14.87 29.14
N TYR A 107 11.48 -13.97 29.57
CA TYR A 107 11.32 -12.54 29.39
C TYR A 107 12.10 -12.10 28.16
N ALA A 108 11.43 -11.30 27.34
CA ALA A 108 12.00 -10.84 26.08
C ALA A 108 12.16 -9.33 26.24
N SER A 109 13.39 -8.90 26.38
CA SER A 109 13.69 -7.52 26.84
C SER A 109 13.40 -6.50 25.75
N LYS A 110 13.59 -6.89 24.48
CA LYS A 110 13.43 -5.93 23.41
C LYS A 110 12.04 -5.79 22.77
N GLY A 111 10.98 -6.18 23.49
CA GLY A 111 9.58 -5.97 23.07
C GLY A 111 9.13 -6.83 21.87
N ASN A 112 7.94 -6.55 21.31
CA ASN A 112 7.54 -7.23 20.05
C ASN A 112 8.29 -6.83 18.80
N LEU A 113 8.26 -7.69 17.76
CA LEU A 113 9.12 -7.57 16.65
C LEU A 113 8.68 -6.33 15.84
N ARG A 114 7.41 -5.95 15.97
CA ARG A 114 6.93 -4.81 15.21
C ARG A 114 7.64 -3.53 15.77
N GLU A 115 7.53 -3.32 17.09
CA GLU A 115 8.28 -2.25 17.83
C GLU A 115 9.77 -2.31 17.58
N TYR A 116 10.33 -3.50 17.64
CA TYR A 116 11.77 -3.67 17.48
C TYR A 116 12.18 -3.19 16.14
N LEU A 117 11.38 -3.50 15.14
CA LEU A 117 11.74 -3.15 13.78
C LEU A 117 11.53 -1.62 13.53
N GLN A 118 10.42 -1.07 13.99
CA GLN A 118 10.12 0.35 13.75
C GLN A 118 11.18 1.26 14.36
N ALA A 119 11.56 0.94 15.62
CA ALA A 119 12.70 1.59 16.33
C ALA A 119 14.04 1.50 15.60
N ARG A 120 14.22 0.57 14.68
CA ARG A 120 15.47 0.51 13.90
C ARG A 120 15.40 0.97 12.45
N ARG A 121 14.37 1.72 12.13
CA ARG A 121 14.26 2.37 10.82
C ARG A 121 15.29 3.52 10.67
N PRO A 122 15.83 3.75 9.46
CA PRO A 122 16.63 4.95 9.20
C PRO A 122 15.90 6.23 9.56
N PRO A 123 16.64 7.27 9.97
CA PRO A 123 16.04 8.42 10.65
C PRO A 123 15.37 9.45 9.73
N GLU A 136 19.24 4.65 17.25
CA GLU A 136 20.49 4.16 17.80
C GLU A 136 21.07 2.86 17.17
N GLU A 137 20.24 1.97 16.58
CA GLU A 137 20.76 0.76 15.86
C GLU A 137 20.05 0.52 14.48
N GLN A 138 20.77 -0.07 13.52
CA GLN A 138 20.20 -0.39 12.18
C GLN A 138 20.40 -1.88 11.83
N LEU A 139 19.71 -2.37 10.79
CA LEU A 139 19.69 -3.80 10.44
C LEU A 139 20.17 -4.03 9.05
N SER A 140 21.15 -4.91 8.85
CA SER A 140 21.47 -5.29 7.49
C SER A 140 20.37 -6.17 6.90
N SER A 141 20.46 -6.33 5.59
CA SER A 141 19.64 -7.32 4.87
C SER A 141 19.80 -8.75 5.46
N LYS A 142 21.03 -9.17 5.80
CA LYS A 142 21.23 -10.45 6.49
C LYS A 142 20.43 -10.54 7.77
N ASP A 143 20.45 -9.49 8.61
CA ASP A 143 19.68 -9.47 9.84
C ASP A 143 18.18 -9.68 9.60
N LEU A 144 17.64 -9.07 8.54
CA LEU A 144 16.18 -9.14 8.28
C LEU A 144 15.86 -10.55 7.85
N VAL A 145 16.66 -11.14 6.99
CA VAL A 145 16.41 -12.52 6.55
C VAL A 145 16.55 -13.51 7.72
N SER A 146 17.50 -13.26 8.60
CA SER A 146 17.74 -14.04 9.79
C SER A 146 16.59 -13.96 10.78
N CYS A 147 16.02 -12.80 10.94
N CYS A 147 16.04 -12.85 11.02
CA CYS A 147 14.84 -12.65 11.67
CA CYS A 147 14.86 -12.71 11.75
C CYS A 147 13.66 -13.62 11.15
C CYS A 147 13.68 -13.67 11.24
N ALA A 148 13.50 -13.70 9.82
CA ALA A 148 12.45 -14.49 9.20
C ALA A 148 12.77 -15.95 9.43
N TYR A 149 14.04 -16.31 9.31
CA TYR A 149 14.45 -17.67 9.50
C TYR A 149 14.18 -18.14 10.93
N GLN A 150 14.24 -17.23 11.90
CA GLN A 150 14.08 -17.67 13.25
C GLN A 150 12.62 -17.89 13.51
N VAL A 151 11.79 -16.99 12.98
CA VAL A 151 10.32 -17.11 13.20
C VAL A 151 9.81 -18.42 12.48
N ALA A 152 10.34 -18.69 11.29
CA ALA A 152 9.96 -19.89 10.55
C ALA A 152 10.36 -21.13 11.34
N ARG A 153 11.49 -21.05 12.03
CA ARG A 153 11.97 -22.16 12.82
C ARG A 153 11.04 -22.44 13.99
N GLY A 154 10.66 -21.39 14.69
CA GLY A 154 9.75 -21.53 15.81
C GLY A 154 8.46 -22.13 15.31
N MET A 155 8.01 -21.67 14.14
CA MET A 155 6.78 -22.15 13.54
C MET A 155 6.88 -23.59 13.12
N GLU A 156 8.00 -23.99 12.60
CA GLU A 156 8.19 -25.35 12.16
C GLU A 156 8.15 -26.27 13.38
N TYR A 157 8.67 -25.78 14.51
CA TYR A 157 8.63 -26.57 15.74
C TYR A 157 7.20 -26.69 16.24
N LEU A 158 6.51 -25.56 16.37
CA LEU A 158 5.18 -25.56 16.80
C LEU A 158 4.23 -26.53 15.98
N ALA A 159 4.33 -26.38 14.67
CA ALA A 159 3.68 -27.31 13.72
C ALA A 159 4.07 -28.77 13.95
N SER A 160 5.35 -29.11 14.05
CA SER A 160 5.78 -30.40 14.46
C SER A 160 5.10 -30.92 15.78
N LYS A 161 4.62 -30.09 16.70
CA LYS A 161 3.91 -30.53 17.91
C LYS A 161 2.45 -30.35 17.77
N LYS A 162 2.02 -30.15 16.54
CA LYS A 162 0.58 -30.11 16.19
C LYS A 162 -0.14 -28.89 16.64
N CYS A 163 0.58 -27.76 16.81
CA CYS A 163 -0.05 -26.53 17.30
C CYS A 163 -0.34 -25.61 16.09
N ILE A 164 -1.53 -25.08 16.03
CA ILE A 164 -1.87 -24.03 15.05
C ILE A 164 -1.99 -22.75 15.85
N HIS A 165 -1.17 -21.77 15.50
CA HIS A 165 -1.16 -20.51 16.23
C HIS A 165 -2.44 -19.67 16.16
N ARG A 166 -2.94 -19.50 14.94
CA ARG A 166 -4.18 -18.77 14.56
C ARG A 166 -4.08 -17.22 14.57
N ASP A 167 -2.96 -16.68 15.03
CA ASP A 167 -2.78 -15.22 15.02
C ASP A 167 -1.32 -14.82 14.93
N LEU A 168 -0.62 -15.43 13.99
CA LEU A 168 0.77 -15.17 13.83
C LEU A 168 0.88 -13.78 13.15
N ALA A 169 1.71 -12.93 13.75
CA ALA A 169 1.88 -11.56 13.34
C ALA A 169 3.13 -11.04 14.10
N ALA A 170 3.81 -10.04 13.56
CA ALA A 170 5.01 -9.44 14.20
C ALA A 170 4.72 -9.02 15.67
N ARG A 171 3.52 -8.60 15.98
CA ARG A 171 3.15 -8.24 17.29
C ARG A 171 3.17 -9.40 18.26
N ASN A 172 3.10 -10.65 17.75
CA ASN A 172 3.11 -11.85 18.63
C ASN A 172 4.43 -12.53 18.54
N VAL A 173 5.43 -11.82 18.04
CA VAL A 173 6.79 -12.35 18.05
C VAL A 173 7.58 -11.43 19.02
N LEU A 174 8.30 -12.01 19.99
CA LEU A 174 9.10 -11.18 20.93
C LEU A 174 10.52 -11.35 20.72
N VAL A 175 11.32 -10.37 21.20
CA VAL A 175 12.76 -10.31 20.81
C VAL A 175 13.52 -10.23 22.16
N THR A 176 14.49 -11.12 22.36
CA THR A 176 15.24 -11.13 23.61
C THR A 176 16.42 -10.18 23.56
N GLU A 177 17.09 -10.03 24.73
CA GLU A 177 18.26 -9.13 24.82
C GLU A 177 19.32 -9.56 23.86
N ASP A 178 19.37 -10.84 23.53
CA ASP A 178 20.34 -11.30 22.53
C ASP A 178 19.79 -11.31 21.12
N ASN A 179 18.68 -10.63 20.92
CA ASN A 179 18.02 -10.54 19.61
C ASN A 179 17.52 -11.90 19.11
N VAL A 180 17.03 -12.76 20.01
CA VAL A 180 16.46 -14.04 19.58
C VAL A 180 14.98 -13.78 19.39
N MET A 181 14.43 -14.19 18.24
CA MET A 181 13.00 -14.06 18.01
C MET A 181 12.28 -15.22 18.71
N LYS A 182 11.22 -14.93 19.47
CA LYS A 182 10.39 -15.94 20.10
C LYS A 182 8.94 -15.76 19.80
N ILE A 183 8.33 -16.80 19.25
CA ILE A 183 6.86 -16.80 19.10
C ILE A 183 6.18 -16.83 20.43
N ALA A 184 5.17 -15.99 20.57
CA ALA A 184 4.39 -15.89 21.73
C ALA A 184 2.94 -16.07 21.39
N ASP A 185 2.15 -16.37 22.43
CA ASP A 185 0.67 -16.42 22.40
C ASP A 185 0.19 -17.58 21.56
N PHE A 186 1.05 -18.54 21.36
CA PHE A 186 0.71 -19.76 20.65
C PHE A 186 -0.16 -20.75 21.45
N GLY A 187 -0.33 -20.52 22.75
CA GLY A 187 -1.14 -21.41 23.56
C GLY A 187 -2.43 -20.80 24.05
N LEU A 188 -2.71 -19.58 23.60
CA LEU A 188 -3.91 -18.85 23.99
C LEU A 188 -5.22 -19.55 23.63
N ALA A 189 -6.23 -19.36 24.47
CA ALA A 189 -7.55 -19.94 24.23
C ALA A 189 -8.24 -19.05 23.21
N ARG A 190 -8.94 -19.65 22.26
CA ARG A 190 -9.59 -18.89 21.19
C ARG A 190 -11.15 -18.81 21.22
N ASP A 191 -11.81 -19.96 21.20
CA ASP A 191 -13.26 -19.89 21.15
C ASP A 191 -13.56 -19.17 19.85
N ILE A 192 -13.04 -19.74 18.77
CA ILE A 192 -13.19 -19.20 17.42
C ILE A 192 -14.66 -19.13 16.98
N HIS A 193 -14.90 -18.12 16.14
CA HIS A 193 -16.18 -17.65 15.54
C HIS A 193 -16.87 -16.64 16.44
N HIS A 194 -16.23 -16.37 17.58
CA HIS A 194 -16.70 -15.36 18.50
C HIS A 194 -15.77 -14.16 18.31
N ILE A 195 -14.78 -14.33 17.43
CA ILE A 195 -13.81 -13.26 17.13
C ILE A 195 -14.57 -12.07 16.56
N ASP A 196 -14.27 -10.88 17.06
CA ASP A 196 -14.87 -9.68 16.50
C ASP A 196 -13.96 -9.09 15.43
N TYR A 197 -14.33 -9.24 14.17
CA TYR A 197 -13.55 -8.70 13.04
C TYR A 197 -13.32 -7.17 13.04
N TYR A 198 -14.20 -6.40 13.69
CA TYR A 198 -14.06 -4.93 13.71
C TYR A 198 -13.10 -4.38 14.77
N LYS A 199 -12.85 -5.15 15.84
CA LYS A 199 -12.00 -4.71 16.98
C LYS A 199 -10.51 -4.66 16.66
N LYS A 200 -9.85 -3.55 17.05
CA LYS A 200 -8.44 -3.31 16.75
C LYS A 200 -7.43 -3.63 17.91
N THR A 201 -6.17 -3.89 17.53
CA THR A 201 -5.04 -3.92 18.45
C THR A 201 -4.89 -2.53 19.13
N THR A 202 -4.12 -2.42 20.21
CA THR A 202 -3.89 -1.10 20.83
C THR A 202 -3.22 -0.17 19.81
N ASN A 203 -2.34 -0.73 18.97
CA ASN A 203 -1.71 0.05 17.89
C ASN A 203 -2.71 0.61 16.85
N GLY A 204 -3.99 0.24 16.94
CA GLY A 204 -4.98 0.68 15.95
C GLY A 204 -5.03 -0.11 14.62
N ARG A 205 -4.44 -1.32 14.58
CA ARG A 205 -4.53 -2.21 13.37
C ARG A 205 -5.55 -3.35 13.57
N LEU A 206 -5.88 -4.07 12.49
CA LEU A 206 -7.02 -5.01 12.48
C LEU A 206 -6.49 -6.38 12.18
N PRO A 207 -6.68 -7.31 13.13
CA PRO A 207 -6.07 -8.63 12.95
C PRO A 207 -6.58 -9.47 11.76
N VAL A 208 -7.75 -9.18 11.25
CA VAL A 208 -8.24 -9.87 10.06
C VAL A 208 -7.24 -9.73 8.91
N LYS A 209 -6.36 -8.71 8.92
CA LYS A 209 -5.44 -8.45 7.82
C LYS A 209 -4.32 -9.48 7.80
N TRP A 210 -4.17 -10.30 8.85
CA TRP A 210 -3.19 -11.42 8.77
C TRP A 210 -3.86 -12.81 8.44
N MET A 211 -5.17 -12.86 8.27
CA MET A 211 -5.85 -14.15 8.22
C MET A 211 -6.04 -14.69 6.79
N ALA A 212 -5.74 -15.97 6.58
CA ALA A 212 -5.97 -16.57 5.31
C ALA A 212 -7.48 -16.42 4.96
N PRO A 213 -7.81 -16.28 3.67
CA PRO A 213 -9.22 -16.19 3.26
C PRO A 213 -10.08 -17.39 3.74
N GLU A 214 -9.51 -18.58 3.79
CA GLU A 214 -10.34 -19.73 4.27
C GLU A 214 -10.62 -19.62 5.78
N ALA A 215 -9.72 -18.97 6.49
CA ALA A 215 -9.89 -18.88 7.92
C ALA A 215 -10.85 -17.74 8.22
N LEU A 216 -10.70 -16.68 7.47
CA LEU A 216 -11.60 -15.53 7.56
C LEU A 216 -13.04 -15.78 7.05
N PHE A 217 -13.21 -16.39 5.88
CA PHE A 217 -14.62 -16.60 5.39
C PHE A 217 -15.32 -17.84 5.96
N ASP A 218 -14.56 -18.91 6.16
CA ASP A 218 -15.07 -20.24 6.46
C ASP A 218 -14.61 -20.73 7.84
N ARG A 219 -13.88 -19.89 8.56
CA ARG A 219 -13.34 -20.21 9.86
C ARG A 219 -12.63 -21.56 9.89
N ILE A 220 -11.84 -21.87 8.87
CA ILE A 220 -11.07 -23.05 8.87
C ILE A 220 -9.60 -22.70 9.00
N TYR A 221 -9.03 -23.16 10.12
CA TYR A 221 -7.63 -22.96 10.51
C TYR A 221 -6.76 -24.13 10.42
N THR A 222 -5.60 -23.98 9.81
CA THR A 222 -4.68 -25.07 9.58
C THR A 222 -3.27 -24.61 9.61
N HIS A 223 -2.31 -25.51 9.47
CA HIS A 223 -1.00 -25.02 9.33
C HIS A 223 -0.91 -24.14 8.12
N GLN A 224 -1.76 -24.41 7.14
CA GLN A 224 -1.59 -23.71 5.85
C GLN A 224 -2.09 -22.32 6.02
N SER A 225 -3.06 -22.14 6.90
CA SER A 225 -3.44 -20.79 7.16
C SER A 225 -2.40 -19.95 7.95
N ASP A 226 -1.67 -20.59 8.81
CA ASP A 226 -0.56 -19.94 9.54
C ASP A 226 0.57 -19.56 8.54
N VAL A 227 0.79 -20.38 7.52
CA VAL A 227 1.70 -20.04 6.43
C VAL A 227 1.33 -18.74 5.70
N TRP A 228 0.06 -18.51 5.39
CA TRP A 228 -0.51 -17.26 4.84
C TRP A 228 -0.15 -16.11 5.80
N SER A 229 -0.30 -16.33 7.09
CA SER A 229 -0.03 -15.31 8.10
C SER A 229 1.45 -15.01 8.13
N PHE A 230 2.25 -16.04 7.89
CA PHE A 230 3.68 -15.86 7.89
C PHE A 230 4.15 -15.01 6.68
N GLY A 231 3.46 -15.14 5.55
CA GLY A 231 3.67 -14.27 4.41
C GLY A 231 3.45 -12.80 4.78
N VAL A 232 2.33 -12.49 5.43
CA VAL A 232 2.08 -11.13 5.90
C VAL A 232 3.22 -10.70 6.87
N LEU A 233 3.61 -11.55 7.77
CA LEU A 233 4.78 -11.29 8.62
C LEU A 233 6.06 -11.00 7.89
N LEU A 234 6.45 -11.75 6.83
CA LEU A 234 7.53 -11.42 6.02
C LEU A 234 7.40 -10.04 5.43
N TRP A 235 6.20 -9.69 4.98
CA TRP A 235 6.02 -8.39 4.42
C TRP A 235 6.26 -7.29 5.53
N GLU A 236 5.78 -7.54 6.75
CA GLU A 236 5.98 -6.62 7.91
C GLU A 236 7.46 -6.42 8.23
N ILE A 237 8.23 -7.48 8.15
CA ILE A 237 9.68 -7.49 8.41
C ILE A 237 10.39 -6.68 7.34
N PHE A 238 10.12 -6.97 6.07
CA PHE A 238 10.77 -6.20 4.98
C PHE A 238 10.33 -4.73 4.82
N THR A 239 9.21 -4.33 5.38
CA THR A 239 8.83 -2.95 5.39
C THR A 239 9.25 -2.34 6.74
N LEU A 240 10.12 -3.02 7.50
CA LEU A 240 10.49 -2.60 8.84
C LEU A 240 9.32 -2.24 9.71
N GLY A 241 8.39 -3.16 9.89
CA GLY A 241 7.24 -2.84 10.71
C GLY A 241 6.11 -2.06 10.14
N GLY A 242 5.97 -2.12 8.84
CA GLY A 242 4.81 -1.45 8.24
C GLY A 242 3.47 -2.08 8.56
N SER A 243 2.44 -1.34 8.26
CA SER A 243 1.07 -1.72 8.58
C SER A 243 0.36 -2.25 7.31
N PRO A 244 -0.08 -3.51 7.29
CA PRO A 244 -0.72 -4.01 6.05
C PRO A 244 -2.05 -3.39 5.74
N TYR A 245 -2.31 -3.08 4.46
CA TYR A 245 -3.53 -2.43 4.06
C TYR A 245 -3.90 -1.20 4.87
N PRO A 246 -3.02 -0.23 4.91
CA PRO A 246 -3.39 0.91 5.76
C PRO A 246 -4.57 1.64 5.16
N GLY A 247 -5.51 2.03 6.03
CA GLY A 247 -6.71 2.75 5.65
C GLY A 247 -7.84 1.89 5.13
N VAL A 248 -7.63 0.57 5.10
CA VAL A 248 -8.65 -0.34 4.55
C VAL A 248 -9.51 -0.85 5.67
N PRO A 249 -10.81 -0.56 5.65
CA PRO A 249 -11.66 -1.18 6.68
C PRO A 249 -12.04 -2.63 6.34
N VAL A 250 -12.62 -3.32 7.31
CA VAL A 250 -13.00 -4.75 7.13
C VAL A 250 -13.76 -5.12 5.86
N GLU A 251 -14.82 -4.38 5.52
CA GLU A 251 -15.62 -4.78 4.34
C GLU A 251 -14.87 -4.63 3.03
N GLU A 252 -13.99 -3.63 2.94
CA GLU A 252 -13.16 -3.46 1.75
C GLU A 252 -12.09 -4.50 1.70
N LEU A 253 -11.60 -4.92 2.86
CA LEU A 253 -10.64 -5.99 2.89
C LEU A 253 -11.29 -7.25 2.30
N PHE A 254 -12.51 -7.49 2.70
CA PHE A 254 -13.20 -8.70 2.21
C PHE A 254 -13.25 -8.68 0.69
N LYS A 255 -13.59 -7.51 0.13
CA LYS A 255 -13.66 -7.38 -1.32
C LYS A 255 -12.29 -7.55 -1.92
N LEU A 256 -11.24 -6.95 -1.33
CA LEU A 256 -9.92 -7.22 -1.87
C LEU A 256 -9.56 -8.70 -1.95
N LEU A 257 -9.84 -9.44 -0.88
CA LEU A 257 -9.48 -10.87 -0.85
C LEU A 257 -10.28 -11.65 -1.91
N LYS A 258 -11.58 -11.39 -1.99
CA LYS A 258 -12.38 -12.04 -3.04
C LYS A 258 -11.80 -11.82 -4.41
N GLU A 259 -11.29 -10.62 -4.69
CA GLU A 259 -10.74 -10.29 -5.99
C GLU A 259 -9.38 -10.79 -6.21
N GLY A 260 -8.79 -11.44 -5.21
CA GLY A 260 -7.47 -11.94 -5.43
C GLY A 260 -6.36 -10.90 -5.31
N HIS A 261 -6.62 -9.77 -4.66
CA HIS A 261 -5.56 -8.77 -4.52
C HIS A 261 -4.38 -9.33 -3.68
N ARG A 262 -3.17 -8.94 -4.00
CA ARG A 262 -1.98 -9.28 -3.23
C ARG A 262 -1.16 -7.99 -3.07
N MET A 263 -0.60 -7.82 -1.86
CA MET A 263 0.16 -6.65 -1.47
C MET A 263 1.34 -6.53 -2.37
N ASP A 264 1.72 -5.28 -2.63
CA ASP A 264 2.83 -4.99 -3.54
C ASP A 264 4.12 -5.32 -2.90
N LYS A 265 5.14 -5.51 -3.67
CA LYS A 265 6.44 -5.77 -3.13
C LYS A 265 7.09 -4.61 -2.41
N PRO A 266 7.50 -4.80 -1.15
CA PRO A 266 8.28 -3.70 -0.45
C PRO A 266 9.53 -3.24 -1.23
N SER A 267 9.93 -1.97 -1.05
CA SER A 267 11.21 -1.55 -1.63
C SER A 267 12.28 -2.31 -0.84
N ASN A 268 13.45 -2.59 -1.38
CA ASN A 268 14.47 -3.23 -0.49
C ASN A 268 13.94 -4.64 -0.01
N CYS A 269 13.47 -5.37 -1.00
CA CYS A 269 13.13 -6.75 -0.84
C CYS A 269 13.54 -7.40 -2.16
N THR A 270 14.20 -8.53 -2.12
CA THR A 270 14.65 -9.15 -3.38
C THR A 270 13.41 -9.77 -4.04
N ASN A 271 13.51 -10.03 -5.32
CA ASN A 271 12.47 -10.77 -6.04
C ASN A 271 12.16 -12.14 -5.44
N GLU A 272 13.21 -12.85 -5.06
CA GLU A 272 13.14 -14.20 -4.48
C GLU A 272 12.37 -14.17 -3.15
N LEU A 273 12.65 -13.23 -2.27
CA LEU A 273 11.78 -13.08 -1.08
C LEU A 273 10.36 -12.65 -1.33
N TYR A 274 10.09 -11.81 -2.35
CA TYR A 274 8.74 -11.46 -2.69
C TYR A 274 8.05 -12.68 -3.27
N MET A 275 8.72 -13.46 -4.07
CA MET A 275 8.12 -14.68 -4.57
C MET A 275 7.68 -15.65 -3.42
N MET A 276 8.54 -15.78 -2.43
CA MET A 276 8.18 -16.42 -1.13
C MET A 276 6.90 -15.94 -0.48
N MET A 277 6.71 -14.63 -0.35
CA MET A 277 5.49 -14.10 0.22
C MET A 277 4.32 -14.49 -0.61
N ARG A 278 4.46 -14.31 -1.93
CA ARG A 278 3.41 -14.61 -2.82
C ARG A 278 3.03 -16.12 -2.78
N ASP A 279 4.00 -17.04 -2.69
CA ASP A 279 3.81 -18.47 -2.48
C ASP A 279 3.11 -18.81 -1.16
N CYS A 280 3.46 -18.07 -0.10
CA CYS A 280 2.62 -18.06 1.15
C CYS A 280 1.20 -17.66 0.97
N TRP A 281 0.96 -16.74 0.05
CA TRP A 281 -0.39 -16.25 -0.20
C TRP A 281 -1.09 -16.98 -1.38
N HIS A 282 -0.64 -18.20 -1.72
CA HIS A 282 -1.37 -19.01 -2.71
C HIS A 282 -2.80 -19.11 -2.37
N ALA A 283 -3.67 -18.80 -3.32
CA ALA A 283 -5.12 -18.95 -3.11
C ALA A 283 -5.49 -20.43 -2.73
N VAL A 284 -4.71 -21.39 -3.20
CA VAL A 284 -5.01 -22.77 -2.89
C VAL A 284 -4.16 -23.29 -1.68
N PRO A 285 -4.83 -23.60 -0.51
CA PRO A 285 -4.00 -23.88 0.69
C PRO A 285 -2.95 -24.96 0.51
N SER A 286 -3.35 -26.03 -0.22
CA SER A 286 -2.40 -27.10 -0.50
C SER A 286 -1.22 -26.75 -1.28
N GLN A 287 -1.22 -25.64 -2.01
CA GLN A 287 -0.08 -25.31 -2.80
C GLN A 287 0.87 -24.31 -2.12
N ARG A 288 0.54 -23.83 -0.93
CA ARG A 288 1.51 -22.99 -0.15
C ARG A 288 2.70 -23.80 0.31
N PRO A 289 3.90 -23.18 0.44
CA PRO A 289 4.96 -23.96 1.05
C PRO A 289 4.66 -24.38 2.50
N THR A 290 5.37 -25.36 2.99
CA THR A 290 5.26 -25.71 4.41
C THR A 290 6.32 -24.88 5.24
N PHE A 291 6.18 -24.88 6.56
CA PHE A 291 7.21 -24.22 7.38
C PHE A 291 8.49 -24.96 7.23
N LYS A 292 8.44 -26.27 7.02
CA LYS A 292 9.71 -27.00 6.81
C LYS A 292 10.46 -26.57 5.54
N GLN A 293 9.68 -26.32 4.51
CA GLN A 293 10.23 -25.80 3.25
C GLN A 293 10.75 -24.34 3.42
N LEU A 294 9.98 -23.50 4.07
CA LEU A 294 10.37 -22.08 4.32
C LEU A 294 11.65 -22.03 5.12
N VAL A 295 11.79 -22.87 6.13
CA VAL A 295 13.00 -22.93 6.90
C VAL A 295 14.18 -23.23 6.02
N GLU A 296 14.10 -24.25 5.17
CA GLU A 296 15.23 -24.60 4.30
C GLU A 296 15.58 -23.53 3.27
N ASP A 297 14.57 -22.82 2.76
CA ASP A 297 14.84 -21.82 1.74
C ASP A 297 15.48 -20.60 2.42
N LEU A 298 14.91 -20.20 3.55
CA LEU A 298 15.46 -19.08 4.26
C LEU A 298 16.88 -19.35 4.76
N ASP A 299 17.14 -20.61 5.15
CA ASP A 299 18.49 -21.02 5.49
C ASP A 299 19.46 -20.75 4.35
N ARG A 300 19.13 -21.17 3.13
CA ARG A 300 20.05 -20.90 2.03
C ARG A 300 20.13 -19.39 1.74
N ILE A 301 19.02 -18.66 1.86
CA ILE A 301 19.02 -17.26 1.48
C ILE A 301 19.85 -16.49 2.49
N VAL A 302 19.71 -16.80 3.78
CA VAL A 302 20.52 -16.11 4.78
C VAL A 302 21.98 -16.20 4.36
N ALA A 303 22.42 -17.42 4.07
CA ALA A 303 23.82 -17.64 3.70
C ALA A 303 24.25 -16.85 2.44
N LEU A 304 23.34 -16.51 1.55
CA LEU A 304 23.72 -15.78 0.36
C LEU A 304 23.47 -14.27 0.43
N THR A 305 22.98 -13.78 1.57
CA THR A 305 22.54 -12.40 1.65
C THR A 305 23.65 -11.61 2.34
N SER A 306 23.97 -10.47 1.74
CA SER A 306 25.08 -9.65 2.19
C SER A 306 24.72 -8.97 3.51
N ASN A 307 25.71 -8.89 4.38
CA ASN A 307 25.64 -8.06 5.60
C ASN A 307 26.22 -6.63 5.35
N GLN A 308 26.71 -6.36 4.16
CA GLN A 308 27.29 -5.07 3.83
C GLN A 308 26.19 -4.08 3.43
N VAL B 4 -28.12 33.35 -26.60
CA VAL B 4 -27.13 33.89 -27.59
C VAL B 4 -26.76 32.78 -28.59
N SER B 5 -25.92 31.86 -28.11
CA SER B 5 -25.59 30.57 -28.75
C SER B 5 -26.81 29.63 -29.06
N GLU B 6 -28.04 30.01 -28.71
CA GLU B 6 -29.26 29.15 -28.97
C GLU B 6 -29.39 28.81 -30.48
N TYR B 7 -29.25 29.86 -31.33
CA TYR B 7 -29.44 29.75 -32.78
C TYR B 7 -28.19 29.73 -33.53
N GLU B 8 -27.20 30.56 -33.17
CA GLU B 8 -25.93 30.47 -33.91
C GLU B 8 -24.71 30.80 -33.02
N LEU B 9 -23.56 30.17 -33.28
CA LEU B 9 -22.31 30.54 -32.59
C LEU B 9 -21.52 31.62 -33.37
N PRO B 10 -20.73 32.48 -32.66
CA PRO B 10 -19.84 33.45 -33.40
C PRO B 10 -18.90 32.66 -34.26
N GLU B 11 -18.43 33.22 -35.38
CA GLU B 11 -17.44 32.60 -36.25
C GLU B 11 -16.04 32.99 -35.81
N ASP B 12 -15.14 32.08 -36.01
CA ASP B 12 -13.72 32.34 -35.83
C ASP B 12 -13.01 31.69 -37.02
N PRO B 13 -12.74 32.49 -38.07
CA PRO B 13 -12.30 31.87 -39.32
C PRO B 13 -10.85 31.43 -39.15
N ARG B 14 -10.19 31.87 -38.10
CA ARG B 14 -8.84 31.41 -37.87
C ARG B 14 -8.83 29.89 -37.68
N TRP B 15 -9.88 29.35 -37.05
CA TRP B 15 -9.95 27.90 -36.78
C TRP B 15 -10.97 27.09 -37.50
N GLU B 16 -11.85 27.76 -38.24
CA GLU B 16 -13.00 27.08 -38.82
C GLU B 16 -12.62 26.11 -39.92
N LEU B 17 -13.12 24.89 -39.81
CA LEU B 17 -12.92 23.89 -40.82
C LEU B 17 -14.28 23.63 -41.46
N PRO B 18 -14.32 23.55 -42.79
CA PRO B 18 -15.46 23.08 -43.58
C PRO B 18 -15.92 21.67 -43.23
N ARG B 19 -17.20 21.51 -42.94
CA ARG B 19 -17.77 20.19 -42.57
C ARG B 19 -17.56 19.12 -43.59
N ASP B 20 -17.49 19.50 -44.87
CA ASP B 20 -17.19 18.54 -45.95
C ASP B 20 -15.78 17.92 -45.82
N ARG B 21 -14.91 18.54 -45.03
CA ARG B 21 -13.53 18.08 -44.85
C ARG B 21 -13.25 17.23 -43.61
N LEU B 22 -14.32 16.82 -42.94
CA LEU B 22 -14.23 16.00 -41.75
C LEU B 22 -15.15 14.79 -41.86
N VAL B 23 -14.57 13.60 -41.91
CA VAL B 23 -15.37 12.38 -41.97
C VAL B 23 -15.37 11.75 -40.58
N LEU B 24 -16.47 11.86 -39.85
CA LEU B 24 -16.56 11.26 -38.51
C LEU B 24 -16.45 9.74 -38.51
N GLY B 25 -15.89 9.16 -37.47
CA GLY B 25 -15.61 7.72 -37.45
C GLY B 25 -16.05 7.12 -36.16
N LYS B 26 -15.32 6.11 -35.73
CA LYS B 26 -15.64 5.34 -34.53
C LYS B 26 -15.56 6.16 -33.23
N PRO B 27 -16.58 6.06 -32.35
CA PRO B 27 -16.57 6.71 -31.04
C PRO B 27 -15.40 6.21 -30.23
N LEU B 28 -14.68 7.13 -29.58
CA LEU B 28 -13.69 6.73 -28.63
C LEU B 28 -14.36 6.54 -27.28
N GLY B 29 -15.45 7.26 -27.07
CA GLY B 29 -16.18 7.16 -25.83
C GLY B 29 -16.98 8.38 -25.46
N GLU B 30 -17.68 8.31 -24.33
CA GLU B 30 -18.47 9.41 -23.84
C GLU B 30 -18.13 9.98 -22.49
N GLY B 31 -18.85 11.01 -22.11
CA GLY B 31 -18.67 11.72 -20.87
C GLY B 31 -20.03 12.17 -20.40
N ALA B 32 -20.09 12.84 -19.25
CA ALA B 32 -21.37 13.30 -18.73
C ALA B 32 -22.06 14.28 -19.68
N PHE B 33 -21.29 15.19 -20.27
CA PHE B 33 -21.88 16.18 -21.18
C PHE B 33 -21.44 16.08 -22.64
N GLY B 34 -20.32 15.42 -22.90
CA GLY B 34 -19.77 15.33 -24.22
C GLY B 34 -19.20 13.98 -24.61
N GLN B 35 -18.93 13.80 -25.89
CA GLN B 35 -18.38 12.55 -26.36
C GLN B 35 -17.27 12.84 -27.34
N VAL B 36 -16.32 11.92 -27.42
CA VAL B 36 -15.19 12.03 -28.32
C VAL B 36 -15.25 10.98 -29.41
N VAL B 37 -15.15 11.41 -30.65
CA VAL B 37 -15.23 10.50 -31.78
C VAL B 37 -14.00 10.59 -32.67
N LEU B 38 -13.51 9.45 -33.13
CA LEU B 38 -12.36 9.41 -34.00
C LEU B 38 -12.81 9.94 -35.36
N ALA B 39 -11.96 10.68 -36.04
CA ALA B 39 -12.34 11.22 -37.34
C ALA B 39 -11.17 11.43 -38.28
N GLU B 40 -11.48 11.61 -39.55
CA GLU B 40 -10.49 11.83 -40.57
C GLU B 40 -10.68 13.23 -41.12
N ALA B 41 -9.66 14.07 -40.95
CA ALA B 41 -9.74 15.42 -41.44
C ALA B 41 -8.88 15.57 -42.69
N ILE B 42 -9.53 16.04 -43.76
CA ILE B 42 -8.93 16.20 -45.08
C ILE B 42 -8.37 17.62 -45.15
N GLY B 43 -7.05 17.72 -45.25
CA GLY B 43 -6.34 18.99 -45.41
C GLY B 43 -6.50 20.09 -44.35
N LEU B 44 -6.08 19.81 -43.13
CA LEU B 44 -6.17 20.78 -42.04
C LEU B 44 -5.42 22.08 -42.31
N ASP B 45 -4.18 21.95 -42.78
CA ASP B 45 -3.34 23.12 -43.08
C ASP B 45 -2.97 23.21 -44.58
N PRO B 49 -2.94 19.36 -47.89
CA PRO B 49 -4.17 20.08 -48.29
C PRO B 49 -5.21 19.16 -48.94
N ASN B 50 -4.75 18.09 -49.58
CA ASN B 50 -5.56 16.90 -49.75
C ASN B 50 -4.99 15.82 -48.82
N ARG B 51 -4.12 16.23 -47.89
CA ARG B 51 -3.58 15.34 -46.84
C ARG B 51 -4.63 15.02 -45.76
N VAL B 52 -4.87 13.72 -45.50
CA VAL B 52 -5.72 13.29 -44.37
C VAL B 52 -4.93 13.06 -43.08
N THR B 53 -5.55 13.49 -41.99
CA THR B 53 -5.04 13.32 -40.64
C THR B 53 -6.08 12.63 -39.80
N LYS B 54 -5.72 11.62 -39.03
CA LYS B 54 -6.63 11.09 -37.99
C LYS B 54 -6.69 12.16 -36.88
N VAL B 55 -7.88 12.48 -36.43
CA VAL B 55 -8.09 13.47 -35.39
C VAL B 55 -9.11 12.96 -34.41
N ALA B 56 -9.24 13.66 -33.27
CA ALA B 56 -10.29 13.37 -32.31
C ALA B 56 -11.22 14.53 -32.29
N VAL B 57 -12.52 14.25 -32.23
CA VAL B 57 -13.47 15.32 -32.24
C VAL B 57 -14.31 15.25 -31.01
N LYS B 58 -14.46 16.38 -30.34
CA LYS B 58 -15.29 16.50 -29.14
C LYS B 58 -16.56 17.24 -29.53
N MET B 59 -17.71 16.72 -29.11
CA MET B 59 -19.01 17.32 -29.44
C MET B 59 -19.98 17.04 -28.30
N LEU B 60 -21.03 17.76 -28.23
CA LEU B 60 -22.10 17.44 -27.34
C LEU B 60 -22.80 16.11 -27.62
N LYS B 61 -23.46 15.57 -26.59
CA LYS B 61 -24.32 14.38 -26.81
C LYS B 61 -25.72 14.93 -27.08
N SER B 62 -26.63 14.09 -27.59
CA SER B 62 -27.92 14.64 -28.08
C SER B 62 -28.75 15.08 -26.95
N ASP B 63 -28.43 14.63 -25.71
CA ASP B 63 -29.14 15.13 -24.53
C ASP B 63 -28.60 16.39 -23.88
N ALA B 64 -27.55 16.99 -24.47
CA ALA B 64 -26.91 18.24 -23.87
C ALA B 64 -27.85 19.41 -23.73
N THR B 65 -27.59 20.26 -22.72
CA THR B 65 -28.31 21.52 -22.49
C THR B 65 -27.47 22.73 -22.99
N GLU B 66 -28.09 23.89 -22.97
CA GLU B 66 -27.44 25.20 -23.20
C GLU B 66 -26.18 25.36 -22.33
N LYS B 67 -26.27 25.01 -21.04
CA LYS B 67 -25.09 25.12 -20.16
C LYS B 67 -23.99 24.19 -20.61
N ASP B 68 -24.32 22.98 -21.07
CA ASP B 68 -23.30 22.10 -21.68
C ASP B 68 -22.66 22.67 -22.93
N LEU B 69 -23.42 23.38 -23.74
CA LEU B 69 -22.81 23.94 -24.92
C LEU B 69 -21.79 25.05 -24.50
N SER B 70 -22.22 25.90 -23.58
CA SER B 70 -21.39 27.01 -23.12
C SER B 70 -20.06 26.46 -22.56
N ASP B 71 -20.11 25.32 -21.88
CA ASP B 71 -18.95 24.67 -21.30
C ASP B 71 -18.02 24.21 -22.39
N LEU B 72 -18.53 23.58 -23.48
CA LEU B 72 -17.67 23.14 -24.56
C LEU B 72 -17.05 24.33 -25.32
N ILE B 73 -17.79 25.40 -25.45
CA ILE B 73 -17.30 26.58 -26.15
C ILE B 73 -16.12 27.20 -25.35
N SER B 74 -16.28 27.27 -24.03
CA SER B 74 -15.22 27.76 -23.16
C SER B 74 -13.99 26.85 -23.25
N GLU B 75 -14.19 25.53 -23.31
CA GLU B 75 -13.05 24.64 -23.41
C GLU B 75 -12.32 24.92 -24.71
N MET B 76 -13.06 25.27 -25.76
CA MET B 76 -12.43 25.51 -27.06
C MET B 76 -11.70 26.87 -27.01
N GLU B 77 -12.33 27.85 -26.39
CA GLU B 77 -11.76 29.18 -26.29
C GLU B 77 -10.46 29.17 -25.50
N MET B 78 -10.47 28.47 -24.37
CA MET B 78 -9.29 28.35 -23.52
C MET B 78 -8.13 27.72 -24.28
N MET B 79 -8.44 26.68 -25.04
CA MET B 79 -7.42 26.00 -25.83
C MET B 79 -6.79 26.99 -26.78
N LYS B 80 -7.60 27.89 -27.35
CA LYS B 80 -7.01 28.90 -28.24
C LYS B 80 -6.03 29.80 -27.47
N MET B 81 -6.42 30.26 -26.30
CA MET B 81 -5.55 31.12 -25.47
C MET B 81 -4.24 30.45 -25.06
N ILE B 82 -4.29 29.16 -24.87
CA ILE B 82 -3.17 28.44 -24.31
C ILE B 82 -2.04 28.26 -25.30
N GLY B 83 -2.38 28.03 -26.56
CA GLY B 83 -1.38 27.85 -27.61
C GLY B 83 -0.81 26.47 -27.64
N LYS B 84 0.17 26.25 -28.52
CA LYS B 84 0.66 24.95 -28.92
C LYS B 84 1.84 24.44 -28.06
N HIS B 85 1.83 23.17 -27.70
CA HIS B 85 3.02 22.56 -27.03
C HIS B 85 2.97 21.07 -27.33
N LYS B 86 4.14 20.51 -27.57
CA LYS B 86 4.30 19.13 -27.92
C LYS B 86 3.71 18.16 -26.86
N ASN B 87 3.59 18.60 -25.62
CA ASN B 87 3.26 17.73 -24.54
C ASN B 87 1.91 18.03 -24.01
N ILE B 88 1.12 18.69 -24.85
CA ILE B 88 -0.30 18.79 -24.52
C ILE B 88 -1.09 18.39 -25.79
N ILE B 89 -2.34 18.02 -25.56
CA ILE B 89 -3.26 17.74 -26.69
C ILE B 89 -3.63 19.11 -27.35
N ASN B 90 -3.25 19.31 -28.61
CA ASN B 90 -3.48 20.67 -29.23
C ASN B 90 -4.80 20.79 -30.03
N LEU B 91 -5.39 21.99 -30.00
CA LEU B 91 -6.49 22.37 -30.91
C LEU B 91 -6.02 22.43 -32.36
N LEU B 92 -6.76 21.74 -33.25
CA LEU B 92 -6.49 21.75 -34.68
C LEU B 92 -7.57 22.52 -35.45
N GLY B 93 -8.78 22.59 -34.92
CA GLY B 93 -9.83 23.20 -35.73
C GLY B 93 -11.16 23.04 -35.05
N ALA B 94 -12.19 23.67 -35.65
CA ALA B 94 -13.55 23.56 -35.17
C ALA B 94 -14.55 23.78 -36.29
N CYS B 95 -15.65 23.02 -36.24
CA CYS B 95 -16.84 23.37 -37.03
C CYS B 95 -17.83 23.94 -36.05
N THR B 96 -18.07 25.24 -36.16
CA THR B 96 -18.96 25.97 -35.24
C THR B 96 -20.30 26.43 -35.91
N GLN B 97 -20.30 26.46 -37.23
CA GLN B 97 -21.41 27.05 -38.02
C GLN B 97 -22.33 25.99 -38.59
N ASP B 98 -23.61 26.34 -38.74
CA ASP B 98 -24.55 25.52 -39.52
C ASP B 98 -24.52 24.10 -39.06
N GLY B 99 -24.76 23.88 -37.77
CA GLY B 99 -24.78 22.47 -37.28
C GLY B 99 -23.97 22.31 -35.99
N PRO B 100 -23.91 21.08 -35.47
CA PRO B 100 -23.29 20.87 -34.15
C PRO B 100 -21.84 21.33 -34.09
N LEU B 101 -21.50 21.78 -32.89
CA LEU B 101 -20.11 22.15 -32.56
C LEU B 101 -19.23 20.98 -32.47
N TYR B 102 -18.21 20.98 -33.33
CA TYR B 102 -17.18 20.02 -33.32
C TYR B 102 -15.85 20.70 -32.99
N VAL B 103 -15.15 20.14 -31.99
CA VAL B 103 -13.81 20.67 -31.53
C VAL B 103 -12.82 19.64 -31.89
N ILE B 104 -11.91 19.96 -32.79
CA ILE B 104 -11.05 18.94 -33.40
C ILE B 104 -9.67 19.09 -32.75
N VAL B 105 -9.15 18.01 -32.18
CA VAL B 105 -7.88 18.04 -31.49
C VAL B 105 -7.04 16.90 -31.96
N GLU B 106 -5.79 16.87 -31.54
CA GLU B 106 -4.87 15.81 -31.91
C GLU B 106 -5.31 14.51 -31.40
N TYR B 107 -5.09 13.49 -32.22
CA TYR B 107 -5.43 12.14 -31.83
C TYR B 107 -4.17 11.37 -31.28
N ALA B 108 -4.34 10.79 -30.10
CA ALA B 108 -3.36 9.91 -29.48
C ALA B 108 -3.77 8.45 -29.58
N SER B 109 -3.14 7.72 -30.50
CA SER B 109 -3.51 6.34 -30.81
C SER B 109 -3.18 5.29 -29.75
N LYS B 110 -2.30 5.59 -28.80
CA LYS B 110 -1.87 4.57 -27.82
C LYS B 110 -2.55 4.69 -26.42
N GLY B 111 -3.69 5.35 -26.38
CA GLY B 111 -4.52 5.44 -25.19
C GLY B 111 -3.91 6.28 -24.10
N ASN B 112 -4.49 6.17 -22.92
CA ASN B 112 -3.98 6.90 -21.75
C ASN B 112 -2.76 6.23 -21.16
N LEU B 113 -2.01 6.95 -20.34
CA LEU B 113 -0.74 6.42 -19.82
C LEU B 113 -0.91 5.21 -18.85
N ARG B 114 -2.01 5.16 -18.14
CA ARG B 114 -2.24 4.05 -17.19
C ARG B 114 -2.26 2.70 -17.98
N GLU B 115 -3.10 2.67 -19.00
CA GLU B 115 -3.24 1.50 -19.89
C GLU B 115 -1.96 1.22 -20.58
N TYR B 116 -1.33 2.26 -21.10
CA TYR B 116 -0.04 2.11 -21.79
C TYR B 116 1.04 1.45 -20.89
N LEU B 117 1.12 1.84 -19.62
CA LEU B 117 2.10 1.25 -18.70
C LEU B 117 1.65 -0.14 -18.28
N GLN B 118 0.35 -0.30 -18.03
CA GLN B 118 -0.19 -1.64 -17.68
C GLN B 118 0.07 -2.67 -18.78
N ALA B 119 -0.13 -2.28 -20.04
CA ALA B 119 0.06 -3.18 -21.17
C ALA B 119 1.51 -3.55 -21.39
N ARG B 120 2.45 -2.86 -20.73
CA ARG B 120 3.88 -3.07 -20.94
C ARG B 120 4.63 -3.52 -19.69
N ARG B 121 3.89 -4.06 -18.74
CA ARG B 121 4.48 -4.77 -17.61
C ARG B 121 5.21 -6.05 -18.09
N PRO B 122 6.47 -6.28 -17.66
CA PRO B 122 7.18 -7.53 -17.97
C PRO B 122 6.53 -8.81 -17.41
N PRO B 123 7.02 -9.99 -17.85
CA PRO B 123 6.42 -11.27 -17.45
C PRO B 123 6.35 -11.55 -15.93
N GLY B 124 5.14 -11.88 -15.46
CA GLY B 124 4.89 -12.27 -14.07
C GLY B 124 4.50 -11.07 -13.24
N GLU B 137 7.04 -4.31 -26.85
CA GLU B 137 7.42 -3.15 -26.04
C GLU B 137 7.53 -3.51 -24.55
N GLN B 138 8.63 -3.05 -23.95
CA GLN B 138 8.86 -3.12 -22.51
C GLN B 138 9.71 -1.86 -22.20
N LEU B 139 9.22 -0.99 -21.32
CA LEU B 139 9.91 0.28 -21.03
C LEU B 139 11.20 0.08 -20.20
N SER B 140 12.23 0.82 -20.56
CA SER B 140 13.48 0.82 -19.81
C SER B 140 13.38 1.85 -18.68
N SER B 141 14.37 1.87 -17.80
CA SER B 141 14.35 2.82 -16.70
C SER B 141 14.32 4.25 -17.22
N LYS B 142 15.14 4.53 -18.23
CA LYS B 142 15.20 5.86 -18.83
C LYS B 142 13.84 6.26 -19.37
N ASP B 143 13.20 5.33 -20.07
CA ASP B 143 11.88 5.56 -20.65
C ASP B 143 10.91 6.05 -19.60
N LEU B 144 10.92 5.42 -18.43
CA LEU B 144 9.98 5.82 -17.36
C LEU B 144 10.31 7.19 -16.83
N VAL B 145 11.58 7.53 -16.78
CA VAL B 145 11.93 8.86 -16.34
C VAL B 145 11.54 9.84 -17.47
N SER B 146 11.65 9.38 -18.71
CA SER B 146 11.30 10.21 -19.87
C SER B 146 9.82 10.61 -19.82
N CYS B 147 8.94 9.63 -19.61
CA CYS B 147 7.53 9.87 -19.41
C CYS B 147 7.34 10.94 -18.41
N ALA B 148 7.92 10.81 -17.22
CA ALA B 148 7.68 11.80 -16.19
C ALA B 148 8.22 13.19 -16.61
N TYR B 149 9.33 13.24 -17.35
CA TYR B 149 9.90 14.51 -17.86
C TYR B 149 8.92 15.19 -18.83
N GLN B 150 8.45 14.41 -19.78
CA GLN B 150 7.44 14.90 -20.73
C GLN B 150 6.20 15.47 -20.06
N VAL B 151 5.65 14.75 -19.10
CA VAL B 151 4.49 15.27 -18.40
C VAL B 151 4.83 16.53 -17.65
N ALA B 152 6.06 16.58 -17.09
CA ALA B 152 6.41 17.70 -16.32
C ALA B 152 6.50 18.94 -17.23
N ARG B 153 7.06 18.74 -18.40
CA ARG B 153 7.24 19.75 -19.42
C ARG B 153 5.90 20.32 -19.89
N GLY B 154 4.91 19.42 -20.01
CA GLY B 154 3.63 19.79 -20.53
C GLY B 154 3.02 20.58 -19.48
N MET B 155 3.23 20.18 -18.24
CA MET B 155 2.59 20.92 -17.13
C MET B 155 3.29 22.30 -16.90
N GLU B 156 4.58 22.34 -17.11
CA GLU B 156 5.32 23.61 -16.92
C GLU B 156 4.74 24.63 -17.93
N TYR B 157 4.59 24.15 -19.16
CA TYR B 157 3.93 24.95 -20.22
C TYR B 157 2.58 25.42 -19.79
N LEU B 158 1.72 24.50 -19.39
CA LEU B 158 0.39 24.93 -18.95
C LEU B 158 0.39 25.94 -17.78
N ALA B 159 1.24 25.66 -16.80
CA ALA B 159 1.39 26.58 -15.67
C ALA B 159 1.79 28.00 -16.17
N SER B 160 2.72 28.04 -17.12
CA SER B 160 3.12 29.31 -17.76
C SER B 160 1.97 30.03 -18.52
N LYS B 161 0.86 29.35 -18.80
CA LYS B 161 -0.25 29.99 -19.48
C LYS B 161 -1.34 30.06 -18.50
N LYS B 162 -1.01 30.05 -17.21
CA LYS B 162 -2.03 30.20 -16.14
C LYS B 162 -3.07 29.06 -16.05
N CYS B 163 -2.81 27.92 -16.68
CA CYS B 163 -3.79 26.82 -16.63
C CYS B 163 -3.50 25.88 -15.41
N ILE B 164 -4.54 25.66 -14.61
CA ILE B 164 -4.51 24.77 -13.45
C ILE B 164 -5.35 23.56 -13.83
N HIS B 165 -4.72 22.40 -13.99
CA HIS B 165 -5.43 21.21 -14.44
C HIS B 165 -6.54 20.68 -13.54
N ARG B 166 -6.24 20.58 -12.24
CA ARG B 166 -7.13 20.14 -11.14
C ARG B 166 -7.41 18.63 -11.04
N ASP B 167 -6.95 17.85 -12.01
CA ASP B 167 -7.12 16.41 -12.00
C ASP B 167 -5.99 15.75 -12.77
N LEU B 168 -4.76 15.94 -12.33
CA LEU B 168 -3.64 15.37 -13.02
C LEU B 168 -3.47 13.93 -12.57
N ALA B 169 -3.58 13.02 -13.53
CA ALA B 169 -3.46 11.59 -13.26
C ALA B 169 -3.04 10.89 -14.54
N ALA B 170 -2.56 9.67 -14.43
CA ALA B 170 -2.13 8.93 -15.61
C ALA B 170 -3.25 8.73 -16.61
N ARG B 171 -4.48 8.78 -16.13
CA ARG B 171 -5.65 8.63 -17.00
C ARG B 171 -5.88 9.86 -17.90
N ASN B 172 -5.38 11.01 -17.48
CA ASN B 172 -5.51 12.24 -18.23
C ASN B 172 -4.29 12.55 -19.13
N VAL B 173 -3.32 11.63 -19.17
CA VAL B 173 -2.18 11.74 -20.09
C VAL B 173 -2.41 10.73 -21.18
N LEU B 174 -2.28 11.15 -22.43
CA LEU B 174 -2.52 10.36 -23.57
C LEU B 174 -1.20 10.24 -24.25
N VAL B 175 -1.06 9.16 -25.00
CA VAL B 175 0.20 8.78 -25.61
C VAL B 175 0.00 8.62 -27.15
N THR B 176 0.82 9.28 -27.96
CA THR B 176 0.72 9.19 -29.43
C THR B 176 1.39 7.97 -30.02
N GLU B 177 1.26 7.84 -31.35
CA GLU B 177 1.99 6.84 -32.14
C GLU B 177 3.47 6.82 -31.83
N ASP B 178 4.10 7.98 -31.76
CA ASP B 178 5.55 8.05 -31.51
C ASP B 178 5.88 8.22 -30.03
N ASN B 179 4.98 7.75 -29.18
CA ASN B 179 5.17 7.69 -27.73
C ASN B 179 5.44 8.99 -27.07
N VAL B 180 4.79 10.01 -27.56
CA VAL B 180 4.91 11.30 -26.93
C VAL B 180 3.74 11.38 -25.95
N MET B 181 4.01 11.92 -24.76
CA MET B 181 3.04 12.14 -23.72
C MET B 181 2.35 13.48 -23.93
N LYS B 182 1.03 13.49 -23.80
CA LYS B 182 0.27 14.70 -23.99
C LYS B 182 -0.80 14.79 -22.93
N ILE B 183 -0.78 15.89 -22.18
CA ILE B 183 -1.69 16.11 -21.11
C ILE B 183 -3.02 16.41 -21.81
N ALA B 184 -4.13 15.87 -21.29
CA ALA B 184 -5.44 16.22 -21.77
C ALA B 184 -6.31 16.67 -20.63
N ASP B 185 -7.49 17.17 -20.99
CA ASP B 185 -8.50 17.60 -20.05
C ASP B 185 -8.10 18.80 -19.28
N PHE B 186 -7.19 19.60 -19.83
CA PHE B 186 -6.65 20.74 -19.08
C PHE B 186 -7.56 21.92 -19.19
N GLY B 187 -8.42 21.90 -20.19
CA GLY B 187 -9.50 22.89 -20.29
C GLY B 187 -10.87 22.35 -19.91
N LEU B 188 -10.90 21.17 -19.26
CA LEU B 188 -12.16 20.55 -18.78
C LEU B 188 -12.63 21.26 -17.50
N HIS B 194 -19.09 21.89 -5.84
CA HIS B 194 -19.88 20.77 -6.33
C HIS B 194 -19.02 19.56 -6.74
N ILE B 195 -17.92 19.31 -6.01
CA ILE B 195 -17.11 18.11 -6.23
C ILE B 195 -17.72 16.94 -5.45
N ASP B 196 -17.79 15.78 -6.10
CA ASP B 196 -18.41 14.60 -5.51
C ASP B 196 -17.38 13.51 -5.25
N TYR B 197 -16.88 13.45 -4.02
CA TYR B 197 -15.80 12.51 -3.67
C TYR B 197 -16.02 11.00 -3.80
N TYR B 198 -17.25 10.57 -3.98
CA TYR B 198 -17.56 9.14 -4.04
C TYR B 198 -17.68 8.62 -5.47
N LYS B 199 -17.65 9.55 -6.44
CA LYS B 199 -17.77 9.21 -7.87
C LYS B 199 -16.46 8.55 -8.32
N LYS B 200 -16.57 7.37 -8.91
CA LYS B 200 -15.43 6.59 -9.33
C LYS B 200 -15.17 6.76 -10.83
N THR B 201 -13.93 6.54 -11.26
CA THR B 201 -13.60 6.55 -12.69
C THR B 201 -14.25 5.31 -13.31
N THR B 202 -14.12 5.18 -14.63
CA THR B 202 -14.68 4.02 -15.33
C THR B 202 -13.89 2.77 -14.96
N ASN B 203 -12.66 2.97 -14.46
CA ASN B 203 -11.82 1.86 -14.06
C ASN B 203 -12.04 1.47 -12.59
N GLY B 204 -12.93 2.19 -11.91
CA GLY B 204 -13.27 1.91 -10.53
C GLY B 204 -12.43 2.58 -9.47
N ARG B 205 -11.72 3.65 -9.83
CA ARG B 205 -10.87 4.33 -8.80
C ARG B 205 -11.37 5.70 -8.39
N LEU B 206 -10.88 6.23 -7.27
CA LEU B 206 -11.40 7.48 -6.70
C LEU B 206 -10.41 8.62 -6.96
N PRO B 207 -10.82 9.61 -7.76
CA PRO B 207 -9.98 10.80 -8.10
C PRO B 207 -9.48 11.60 -6.92
N VAL B 208 -10.19 11.54 -5.81
CA VAL B 208 -9.75 12.18 -4.59
C VAL B 208 -8.34 11.69 -4.17
N LYS B 209 -7.92 10.50 -4.60
CA LYS B 209 -6.59 10.00 -4.25
C LYS B 209 -5.48 10.71 -4.93
N TRP B 210 -5.77 11.59 -5.90
CA TRP B 210 -4.70 12.40 -6.50
C TRP B 210 -4.66 13.86 -5.95
N MET B 211 -5.64 14.20 -5.11
CA MET B 211 -5.88 15.62 -4.78
C MET B 211 -5.05 16.06 -3.56
N ALA B 212 -4.44 17.24 -3.65
CA ALA B 212 -3.65 17.85 -2.56
C ALA B 212 -4.52 18.04 -1.38
N PRO B 213 -3.94 17.98 -0.18
CA PRO B 213 -4.78 18.16 0.99
C PRO B 213 -5.39 19.55 1.04
N GLU B 214 -4.67 20.60 0.64
CA GLU B 214 -5.36 21.93 0.61
C GLU B 214 -6.54 21.99 -0.37
N ALA B 215 -6.45 21.25 -1.48
CA ALA B 215 -7.53 21.15 -2.44
C ALA B 215 -8.67 20.40 -1.83
N LEU B 216 -8.39 19.26 -1.18
CA LEU B 216 -9.50 18.46 -0.59
C LEU B 216 -10.11 19.15 0.62
N PHE B 217 -9.27 19.57 1.54
CA PHE B 217 -9.73 20.08 2.82
C PHE B 217 -10.26 21.51 2.71
N ASP B 218 -9.46 22.40 2.11
CA ASP B 218 -9.74 23.85 2.07
C ASP B 218 -10.08 24.43 0.66
N ARG B 219 -10.36 23.57 -0.33
CA ARG B 219 -10.68 24.01 -1.71
C ARG B 219 -9.77 25.11 -2.22
N ILE B 220 -8.47 24.90 -2.06
CA ILE B 220 -7.47 25.82 -2.55
C ILE B 220 -6.62 25.17 -3.65
N TYR B 221 -6.93 25.43 -4.91
CA TYR B 221 -6.11 24.89 -6.01
C TYR B 221 -5.09 25.87 -6.56
N THR B 222 -3.87 25.43 -6.81
CA THR B 222 -2.88 26.30 -7.31
C THR B 222 -2.06 25.41 -8.13
N HIS B 223 -1.07 25.95 -8.81
CA HIS B 223 -0.11 25.15 -9.51
C HIS B 223 0.57 24.20 -8.57
N GLN B 224 0.54 24.53 -7.28
CA GLN B 224 1.21 23.69 -6.27
C GLN B 224 0.38 22.48 -5.85
N SER B 225 -0.95 22.60 -5.88
CA SER B 225 -1.78 21.41 -5.71
C SER B 225 -1.66 20.50 -6.92
N ASP B 226 -1.43 21.07 -8.10
CA ASP B 226 -1.18 20.24 -9.26
C ASP B 226 0.16 19.50 -9.07
N VAL B 227 1.07 20.09 -8.30
CA VAL B 227 2.40 19.50 -8.09
C VAL B 227 2.20 18.19 -7.24
N TRP B 228 1.32 18.24 -6.27
CA TRP B 228 1.06 17.10 -5.41
C TRP B 228 0.53 15.96 -6.30
N SER B 229 -0.27 16.29 -7.31
CA SER B 229 -0.92 15.32 -8.15
C SER B 229 0.08 14.68 -8.97
N PHE B 230 1.05 15.46 -9.39
CA PHE B 230 2.15 14.95 -10.18
C PHE B 230 3.00 13.90 -9.45
N GLY B 231 3.22 14.10 -8.14
CA GLY B 231 3.85 13.08 -7.30
C GLY B 231 3.10 11.70 -7.35
N VAL B 232 1.79 11.73 -7.19
CA VAL B 232 0.92 10.55 -7.37
C VAL B 232 1.08 10.02 -8.74
N LEU B 233 1.10 10.88 -9.76
CA LEU B 233 1.37 10.38 -11.10
C LEU B 233 2.76 9.76 -11.23
N LEU B 234 3.77 10.35 -10.62
CA LEU B 234 5.10 9.70 -10.58
C LEU B 234 4.99 8.30 -9.95
N TRP B 235 4.24 8.18 -8.89
CA TRP B 235 4.07 6.87 -8.20
C TRP B 235 3.41 5.87 -9.16
N GLU B 236 2.40 6.33 -9.90
CA GLU B 236 1.75 5.53 -10.94
C GLU B 236 2.71 5.12 -12.05
N ILE B 237 3.64 5.99 -12.41
CA ILE B 237 4.57 5.64 -13.42
C ILE B 237 5.46 4.53 -12.86
N PHE B 238 5.90 4.66 -11.62
CA PHE B 238 6.96 3.71 -11.20
C PHE B 238 6.36 2.39 -10.67
N THR B 239 5.06 2.35 -10.39
CA THR B 239 4.36 1.10 -10.15
C THR B 239 3.80 0.54 -11.45
N LEU B 240 4.18 1.09 -12.61
CA LEU B 240 3.59 0.74 -13.93
C LEU B 240 2.07 0.65 -13.99
N GLY B 241 1.44 1.70 -13.52
CA GLY B 241 0.02 1.82 -13.55
C GLY B 241 -0.63 1.23 -12.35
N GLY B 242 0.05 1.28 -11.21
CA GLY B 242 -0.53 0.78 -10.00
C GLY B 242 -1.63 1.67 -9.54
N SER B 243 -2.45 1.17 -8.63
CA SER B 243 -3.64 1.84 -8.16
C SER B 243 -3.41 2.44 -6.75
N PRO B 244 -3.59 3.76 -6.57
CA PRO B 244 -3.16 4.24 -5.26
C PRO B 244 -4.12 3.85 -4.21
N TYR B 245 -3.62 3.56 -3.03
CA TYR B 245 -4.51 3.21 -1.91
C TYR B 245 -5.63 2.18 -2.21
N PRO B 246 -5.26 0.94 -2.63
CA PRO B 246 -6.37 0.08 -3.06
C PRO B 246 -7.22 -0.33 -1.87
N GLY B 247 -8.52 -0.24 -2.04
CA GLY B 247 -9.50 -0.65 -1.01
C GLY B 247 -9.81 0.41 0.01
N VAL B 248 -9.20 1.60 -0.14
CA VAL B 248 -9.38 2.67 0.84
C VAL B 248 -10.52 3.56 0.43
N PRO B 249 -11.58 3.65 1.22
CA PRO B 249 -12.68 4.53 0.94
C PRO B 249 -12.37 5.99 1.30
N VAL B 250 -13.25 6.89 0.87
CA VAL B 250 -13.02 8.31 0.99
C VAL B 250 -12.74 8.75 2.43
N GLU B 251 -13.59 8.32 3.35
CA GLU B 251 -13.50 8.68 4.76
C GLU B 251 -12.14 8.30 5.33
N GLU B 252 -11.67 7.10 5.01
CA GLU B 252 -10.37 6.65 5.51
C GLU B 252 -9.27 7.37 4.82
N LEU B 253 -9.47 7.75 3.55
CA LEU B 253 -8.42 8.51 2.89
C LEU B 253 -8.14 9.83 3.64
N PHE B 254 -9.20 10.52 4.00
CA PHE B 254 -9.05 11.74 4.77
C PHE B 254 -8.22 11.54 5.99
N LYS B 255 -8.55 10.50 6.75
CA LYS B 255 -7.81 10.16 7.95
C LYS B 255 -6.32 9.96 7.69
N LEU B 256 -5.97 9.29 6.59
CA LEU B 256 -4.55 9.07 6.27
C LEU B 256 -3.80 10.39 5.96
N LEU B 257 -4.48 11.29 5.30
CA LEU B 257 -3.85 12.53 4.96
C LEU B 257 -3.68 13.32 6.31
N LYS B 258 -4.70 13.39 7.15
CA LYS B 258 -4.57 14.02 8.47
C LYS B 258 -3.35 13.48 9.23
N GLU B 259 -3.06 12.18 9.11
CA GLU B 259 -1.96 11.54 9.83
C GLU B 259 -0.69 11.75 9.14
N GLY B 260 -0.74 12.47 8.04
CA GLY B 260 0.47 12.66 7.26
C GLY B 260 0.99 11.40 6.69
N HIS B 261 0.11 10.43 6.44
CA HIS B 261 0.58 9.18 5.82
C HIS B 261 1.06 9.48 4.43
N ARG B 262 2.10 8.79 4.01
CA ARG B 262 2.56 8.94 2.65
C ARG B 262 2.66 7.52 2.11
N MET B 263 2.48 7.35 0.80
CA MET B 263 2.61 6.03 0.17
C MET B 263 4.06 5.63 0.29
N ASP B 264 4.28 4.35 0.59
CA ASP B 264 5.59 3.72 0.55
C ASP B 264 6.22 3.83 -0.84
N LYS B 265 7.53 3.79 -0.86
CA LYS B 265 8.28 3.81 -2.07
C LYS B 265 8.00 2.59 -2.89
N PRO B 266 7.73 2.71 -4.20
CA PRO B 266 7.61 1.47 -5.01
C PRO B 266 8.93 0.78 -5.08
N SER B 267 8.92 -0.53 -5.38
CA SER B 267 10.15 -1.31 -5.63
C SER B 267 10.61 -0.81 -6.97
N ASN B 268 11.86 -1.02 -7.39
CA ASN B 268 12.24 -0.57 -8.75
C ASN B 268 11.99 0.97 -8.84
N CYS B 269 12.67 1.71 -7.97
CA CYS B 269 12.52 3.16 -7.87
C CYS B 269 13.60 3.67 -6.96
N THR B 270 14.37 4.61 -7.46
CA THR B 270 15.51 5.18 -6.75
C THR B 270 15.08 6.04 -5.54
N ASN B 271 15.98 6.18 -4.57
CA ASN B 271 15.66 7.03 -3.43
C ASN B 271 15.46 8.48 -3.90
N GLU B 272 16.10 8.84 -5.01
CA GLU B 272 16.05 10.22 -5.61
C GLU B 272 14.59 10.51 -6.06
N LEU B 273 14.04 9.56 -6.81
CA LEU B 273 12.68 9.70 -7.33
C LEU B 273 11.66 9.65 -6.21
N TYR B 274 11.97 8.91 -5.14
CA TYR B 274 11.02 8.78 -4.12
C TYR B 274 11.08 10.08 -3.33
N MET B 275 12.27 10.61 -3.11
CA MET B 275 12.38 11.92 -2.41
C MET B 275 11.57 12.99 -3.20
N MET B 276 11.71 12.88 -4.52
CA MET B 276 10.99 13.77 -5.47
C MET B 276 9.51 13.66 -5.26
N MET B 277 8.99 12.42 -5.19
CA MET B 277 7.59 12.27 -4.76
C MET B 277 7.27 12.86 -3.44
N ARG B 278 8.08 12.53 -2.43
CA ARG B 278 7.85 13.03 -1.08
C ARG B 278 7.83 14.55 -1.09
N ASP B 279 8.75 15.14 -1.87
CA ASP B 279 8.91 16.61 -2.06
C ASP B 279 7.59 17.16 -2.55
N CYS B 280 7.10 16.62 -3.66
CA CYS B 280 5.72 16.90 -4.14
C CYS B 280 4.65 16.71 -3.14
N TRP B 281 4.75 15.74 -2.22
CA TRP B 281 3.72 15.53 -1.21
C TRP B 281 3.93 16.34 0.09
N HIS B 282 4.72 17.40 0.02
CA HIS B 282 4.95 18.24 1.19
C HIS B 282 3.63 18.83 1.67
N ALA B 283 3.42 18.82 2.98
CA ALA B 283 2.18 19.35 3.58
C ALA B 283 1.96 20.83 3.28
N VAL B 284 3.04 21.58 3.14
CA VAL B 284 2.96 23.03 2.83
C VAL B 284 3.36 23.22 1.38
N PRO B 285 2.42 23.80 0.62
CA PRO B 285 2.51 24.00 -0.84
C PRO B 285 3.70 24.81 -1.30
N SER B 286 4.03 25.86 -0.53
CA SER B 286 5.18 26.71 -0.88
C SER B 286 6.48 25.91 -0.83
N GLN B 287 6.50 24.85 -0.05
CA GLN B 287 7.68 24.01 0.11
C GLN B 287 7.83 22.94 -0.96
N ARG B 288 6.77 22.67 -1.69
CA ARG B 288 6.92 21.67 -2.71
C ARG B 288 7.73 22.30 -3.81
N PRO B 289 8.25 21.45 -4.72
CA PRO B 289 8.94 22.03 -5.81
C PRO B 289 8.00 22.64 -6.86
N THR B 290 8.59 23.30 -7.85
CA THR B 290 7.77 23.89 -8.91
C THR B 290 7.90 23.00 -10.13
N PHE B 291 6.96 23.15 -11.08
CA PHE B 291 7.12 22.41 -12.33
C PHE B 291 8.35 22.82 -13.00
N LYS B 292 8.70 24.10 -12.91
CA LYS B 292 10.00 24.48 -13.47
C LYS B 292 11.14 23.69 -12.74
N GLN B 293 11.11 23.67 -11.41
CA GLN B 293 12.13 22.85 -10.62
C GLN B 293 12.06 21.35 -10.94
N LEU B 294 10.83 20.83 -11.04
CA LEU B 294 10.69 19.40 -11.45
C LEU B 294 11.20 19.18 -12.80
N VAL B 295 10.97 20.13 -13.70
CA VAL B 295 11.53 19.94 -15.05
C VAL B 295 13.07 19.91 -15.13
N GLU B 296 13.73 20.80 -14.39
CA GLU B 296 15.23 20.79 -14.40
C GLU B 296 15.80 19.46 -13.82
N ASP B 297 15.28 19.10 -12.65
CA ASP B 297 15.64 17.81 -11.96
C ASP B 297 15.43 16.62 -12.86
N LEU B 298 14.22 16.52 -13.41
CA LEU B 298 13.94 15.37 -14.26
C LEU B 298 14.79 15.35 -15.45
N ASP B 299 15.09 16.54 -16.01
CA ASP B 299 16.02 16.64 -17.11
C ASP B 299 17.37 16.05 -16.73
N ARG B 300 17.87 16.47 -15.58
CA ARG B 300 19.19 15.99 -15.11
C ARG B 300 19.09 14.46 -14.87
N ILE B 301 18.02 14.02 -14.17
CA ILE B 301 17.87 12.61 -13.79
C ILE B 301 17.83 11.77 -15.05
N VAL B 302 17.12 12.20 -16.09
CA VAL B 302 17.02 11.39 -17.31
C VAL B 302 18.36 11.10 -17.96
N ALA B 303 19.23 12.09 -18.00
CA ALA B 303 20.55 11.92 -18.61
C ALA B 303 21.45 10.99 -17.79
N LEU B 304 21.22 10.94 -16.48
CA LEU B 304 22.02 10.10 -15.59
C LEU B 304 21.38 8.75 -15.33
N THR B 305 20.38 8.38 -16.13
CA THR B 305 19.71 7.10 -15.96
C THR B 305 20.03 6.17 -17.11
N SER B 306 20.30 4.90 -16.81
CA SER B 306 20.59 3.91 -17.88
C SER B 306 19.43 3.55 -18.85
N ASN B 307 19.78 3.07 -20.05
CA ASN B 307 18.83 2.39 -20.97
C ASN B 307 18.96 0.85 -20.99
N GLN B 308 20.12 0.33 -20.58
CA GLN B 308 20.44 -1.12 -20.58
C GLN B 308 19.44 -1.94 -19.76
N GLU B 309 18.98 -1.37 -18.65
CA GLU B 309 17.90 -1.96 -17.84
C GLU B 309 16.84 -0.88 -17.49
#